data_7DE8
#
_entry.id   7DE8
#
_cell.length_a   84.396
_cell.length_b   84.396
_cell.length_c   107.110
_cell.angle_alpha   90.000
_cell.angle_beta   90.000
_cell.angle_gamma   120.000
#
_symmetry.space_group_name_H-M   'P 63'
#
_entity_poly.entity_id   1
_entity_poly.type   'polypeptide(L)'
_entity_poly.pdbx_seq_one_letter_code
;MASMTGGQQMGRDLQVTLYGTIKAGVEVSRVKDAGTYKAQGGKSKTATQIADFGSKIGFKGQEDLGNGMKAIWQLEQKAS
IAGTNSGWGNRQSFIGLKGGFGTVRAGNLNTVLKDSKDNVNAWESGSNTEDVLGLGTIGRVESREISVRYDSPVFAGFSG
SVQYVPRDNANDVDKYKHTKSSRESYHAGLKYENAGFFGQYAGSFAKYADLNTDAERVAVNTANAHPVKDYQVHRVVAGY
DANDLYVSVAGQYEAAKNNEVGSIKGKKHEQTQVAATAAYRFGNVTPRVSYAHGFKAKVNGVKDANYQYDQVIVGADYDF
SKRTSALVSAGWLKQGKGAGKVEQTASMVGLRHKF
;
_entity_poly.pdbx_strand_id   X
#
# COMPACT_ATOMS: atom_id res chain seq x y z
N GLN A 15 28.59 10.87 -7.98
CA GLN A 15 28.59 9.46 -8.51
C GLN A 15 27.30 8.75 -8.08
N VAL A 16 27.33 7.42 -8.04
CA VAL A 16 26.11 6.59 -8.03
C VAL A 16 26.15 5.66 -6.84
N THR A 17 24.97 5.38 -6.30
CA THR A 17 24.79 4.50 -5.13
C THR A 17 24.01 3.24 -5.50
N LEU A 18 24.47 2.11 -4.98
CA LEU A 18 23.71 0.84 -4.98
C LEU A 18 23.14 0.57 -3.60
N TYR A 19 21.89 0.12 -3.61
CA TYR A 19 21.15 -0.18 -2.37
C TYR A 19 20.16 -1.30 -2.63
N GLY A 20 19.55 -1.75 -1.54
CA GLY A 20 18.46 -2.73 -1.62
C GLY A 20 18.03 -3.21 -0.26
N THR A 21 17.12 -4.16 -0.28
CA THR A 21 16.70 -4.87 0.94
C THR A 21 16.51 -6.32 0.58
N ILE A 22 17.08 -7.22 1.36
CA ILE A 22 16.81 -8.66 1.15
C ILE A 22 15.99 -9.12 2.32
N LYS A 23 14.89 -9.79 2.05
CA LYS A 23 14.01 -10.22 3.16
C LYS A 23 13.20 -11.44 2.76
N ALA A 24 13.17 -12.39 3.68
CA ALA A 24 12.53 -13.70 3.45
C ALA A 24 12.32 -14.39 4.79
N GLY A 25 11.49 -15.43 4.76
CA GLY A 25 11.19 -16.19 5.97
C GLY A 25 10.27 -17.33 5.68
N VAL A 26 9.86 -18.02 6.71
CA VAL A 26 8.85 -19.09 6.55
C VAL A 26 7.54 -18.59 7.14
N GLU A 27 6.48 -18.84 6.40
CA GLU A 27 5.13 -18.41 6.81
C GLU A 27 4.28 -19.68 6.86
N VAL A 28 3.51 -19.79 7.93
CA VAL A 28 2.51 -20.87 8.10
C VAL A 28 1.16 -20.21 7.96
N SER A 29 0.25 -20.84 7.25
CA SER A 29 -1.06 -20.21 6.98
C SER A 29 -2.15 -21.25 6.89
N ARG A 30 -3.34 -20.84 7.31
CA ARG A 30 -4.55 -21.69 7.38
C ARG A 30 -5.78 -20.84 7.15
N VAL A 31 -6.57 -21.26 6.16
CA VAL A 31 -7.84 -20.58 5.80
C VAL A 31 -8.97 -21.46 6.31
N LYS A 32 -10.03 -20.81 6.80
CA LYS A 32 -11.26 -21.53 7.21
C LYS A 32 -12.44 -20.92 6.47
N ASP A 33 -12.71 -21.44 5.27
CA ASP A 33 -13.80 -20.99 4.37
C ASP A 33 -14.85 -22.09 4.23
N ALA A 34 -16.10 -21.74 4.52
CA ALA A 34 -17.27 -22.66 4.43
C ALA A 34 -17.46 -23.13 2.98
N GLY A 35 -17.42 -22.22 2.01
CA GLY A 35 -17.78 -22.49 0.61
C GLY A 35 -16.76 -23.32 -0.16
N THR A 36 -15.46 -23.05 0.01
CA THR A 36 -14.40 -23.66 -0.85
C THR A 36 -13.79 -24.91 -0.21
N TYR A 37 -14.11 -25.28 1.04
CA TYR A 37 -13.34 -26.34 1.76
C TYR A 37 -14.21 -27.50 2.24
N LYS A 38 -13.87 -28.70 1.72
CA LYS A 38 -14.47 -30.02 2.04
C LYS A 38 -14.50 -30.23 3.56
N ALA A 39 -13.35 -30.09 4.24
CA ALA A 39 -13.10 -30.65 5.60
C ALA A 39 -14.07 -30.05 6.62
N GLN A 40 -14.46 -30.84 7.63
CA GLN A 40 -15.51 -30.49 8.62
C GLN A 40 -15.01 -29.34 9.50
N GLY A 41 -15.89 -28.36 9.73
CA GLY A 41 -15.55 -27.02 10.24
C GLY A 41 -15.38 -26.03 9.09
N GLY A 42 -15.04 -26.52 7.89
CA GLY A 42 -14.65 -25.71 6.72
C GLY A 42 -13.16 -25.48 6.67
N LYS A 43 -12.41 -26.28 7.41
CA LYS A 43 -10.96 -26.06 7.70
C LYS A 43 -10.14 -26.47 6.47
N SER A 44 -9.30 -25.57 5.98
CA SER A 44 -8.18 -25.92 5.06
C SER A 44 -7.02 -26.46 5.89
N LYS A 45 -6.01 -27.00 5.23
CA LYS A 45 -4.85 -27.58 5.95
C LYS A 45 -3.80 -26.49 6.11
N THR A 46 -2.86 -26.74 7.00
CA THR A 46 -1.65 -25.90 7.19
C THR A 46 -0.96 -25.75 5.83
N ALA A 47 -0.53 -24.54 5.51
CA ALA A 47 0.40 -24.25 4.39
C ALA A 47 1.71 -23.76 5.00
N THR A 48 2.78 -24.55 4.84
CA THR A 48 4.13 -24.27 5.40
C THR A 48 5.11 -23.92 4.28
N GLN A 49 5.46 -22.63 4.14
CA GLN A 49 6.16 -22.11 2.94
C GLN A 49 7.32 -21.20 3.28
N ILE A 50 8.41 -21.37 2.54
CA ILE A 50 9.49 -20.36 2.41
C ILE A 50 9.04 -19.31 1.39
N ALA A 51 9.10 -18.04 1.77
CA ALA A 51 8.57 -16.96 0.93
C ALA A 51 9.49 -15.74 1.03
N ASP A 52 9.65 -15.06 -0.09
CA ASP A 52 10.36 -13.76 -0.18
C ASP A 52 9.35 -12.73 0.29
N PHE A 53 9.81 -11.70 1.01
CA PHE A 53 8.91 -10.64 1.53
C PHE A 53 9.02 -9.40 0.68
N GLY A 54 9.62 -9.53 -0.50
CA GLY A 54 9.75 -8.40 -1.43
C GLY A 54 11.14 -7.84 -1.38
N SER A 55 12.14 -8.70 -1.52
CA SER A 55 13.53 -8.26 -1.70
C SER A 55 13.55 -7.34 -2.89
N LYS A 56 14.34 -6.28 -2.80
CA LYS A 56 14.47 -5.27 -3.87
C LYS A 56 15.91 -4.83 -3.97
N ILE A 57 16.26 -4.32 -5.14
CA ILE A 57 17.63 -3.82 -5.40
C ILE A 57 17.50 -2.63 -6.34
N GLY A 58 18.31 -1.62 -6.10
CA GLY A 58 18.16 -0.33 -6.77
C GLY A 58 19.48 0.39 -6.99
N PHE A 59 19.44 1.32 -7.94
CA PHE A 59 20.57 2.21 -8.30
C PHE A 59 20.05 3.63 -8.30
N LYS A 60 20.83 4.54 -7.76
CA LYS A 60 20.42 5.95 -7.69
C LYS A 60 21.66 6.82 -7.68
N GLY A 61 21.52 7.99 -8.24
CA GLY A 61 22.65 8.91 -8.35
C GLY A 61 22.14 10.30 -8.28
N GLN A 62 23.06 11.24 -8.30
CA GLN A 62 22.73 12.68 -8.33
C GLN A 62 23.96 13.46 -8.70
N GLU A 63 23.74 14.55 -9.44
CA GLU A 63 24.80 15.52 -9.82
C GLU A 63 24.31 16.91 -9.41
N ASP A 64 25.20 17.69 -8.80
CA ASP A 64 24.98 19.14 -8.54
C ASP A 64 25.09 19.89 -9.87
N LEU A 65 24.10 20.73 -10.17
CA LEU A 65 24.10 21.56 -11.41
C LEU A 65 24.66 22.96 -11.14
N GLY A 66 25.07 23.24 -9.90
CA GLY A 66 25.79 24.45 -9.51
C GLY A 66 24.94 25.40 -8.69
N ASN A 67 23.81 25.84 -9.25
CA ASN A 67 23.01 26.96 -8.70
C ASN A 67 22.07 26.43 -7.62
N GLY A 68 22.60 25.75 -6.59
CA GLY A 68 21.82 25.10 -5.53
C GLY A 68 20.74 24.18 -6.08
N MET A 69 21.07 23.37 -7.09
CA MET A 69 20.09 22.51 -7.77
C MET A 69 20.76 21.20 -8.20
N LYS A 70 20.10 20.09 -7.92
CA LYS A 70 20.64 18.74 -8.22
C LYS A 70 19.77 18.04 -9.25
N ALA A 71 20.39 17.23 -10.09
CA ALA A 71 19.68 16.21 -10.88
C ALA A 71 19.56 14.94 -10.03
N ILE A 72 18.42 14.24 -10.13
CA ILE A 72 18.23 12.98 -9.37
C ILE A 72 17.62 11.92 -10.27
N TRP A 73 18.05 10.68 -10.09
CA TRP A 73 17.43 9.53 -10.77
C TRP A 73 17.46 8.32 -9.84
N GLN A 74 16.57 7.38 -10.14
CA GLN A 74 16.53 6.09 -9.43
C GLN A 74 16.10 5.01 -10.43
N LEU A 75 16.66 3.82 -10.27
CA LEU A 75 16.12 2.60 -10.91
C LEU A 75 16.02 1.53 -9.84
N GLU A 76 14.82 1.27 -9.35
CA GLU A 76 14.63 0.22 -8.33
C GLU A 76 13.82 -0.94 -8.93
N GLN A 77 14.09 -2.14 -8.45
CA GLN A 77 13.48 -3.37 -9.02
C GLN A 77 13.09 -4.34 -7.91
N LYS A 78 12.01 -5.04 -8.17
CA LYS A 78 11.65 -6.22 -7.38
C LYS A 78 12.74 -7.20 -7.71
N ALA A 79 13.21 -7.92 -6.71
CA ALA A 79 14.29 -8.88 -6.89
C ALA A 79 14.15 -10.00 -5.86
N SER A 80 13.09 -10.79 -5.96
CA SER A 80 12.85 -11.87 -4.99
C SER A 80 13.99 -12.87 -5.11
N ILE A 81 14.54 -13.27 -3.95
CA ILE A 81 15.59 -14.31 -3.87
C ILE A 81 15.01 -15.70 -4.12
N ALA A 82 13.71 -15.84 -4.40
CA ALA A 82 13.14 -17.13 -4.88
C ALA A 82 13.12 -17.13 -6.41
N GLY A 83 13.62 -16.07 -7.02
CA GLY A 83 13.76 -15.99 -8.47
C GLY A 83 12.43 -15.88 -9.21
N THR A 84 11.43 -15.15 -8.70
CA THR A 84 10.12 -15.06 -9.41
C THR A 84 9.92 -13.70 -10.06
N ASN A 85 10.91 -12.84 -10.06
CA ASN A 85 10.72 -11.46 -10.59
C ASN A 85 11.55 -11.27 -11.84
N SER A 86 11.04 -10.43 -12.72
CA SER A 86 11.82 -9.95 -13.88
C SER A 86 11.41 -8.49 -14.13
N GLY A 87 12.32 -7.72 -14.71
CA GLY A 87 11.96 -6.35 -15.07
C GLY A 87 12.94 -5.39 -14.47
N TRP A 88 13.09 -4.27 -15.16
CA TRP A 88 13.83 -3.08 -14.72
C TRP A 88 12.79 -2.01 -14.44
N GLY A 89 12.99 -1.24 -13.38
CA GLY A 89 12.19 -0.04 -13.11
C GLY A 89 10.76 -0.36 -12.68
N ASN A 90 10.51 -1.54 -12.15
CA ASN A 90 9.13 -2.00 -11.81
C ASN A 90 8.80 -1.64 -10.35
N ARG A 91 9.78 -1.10 -9.64
CA ARG A 91 9.53 -0.36 -8.39
C ARG A 91 9.85 1.11 -8.64
N GLN A 92 9.71 1.93 -7.61
CA GLN A 92 9.81 3.39 -7.83
C GLN A 92 11.10 3.73 -8.56
N SER A 93 10.97 4.28 -9.75
CA SER A 93 12.09 4.67 -10.63
C SER A 93 11.73 5.99 -11.30
N PHE A 94 12.69 6.86 -11.48
CA PHE A 94 12.40 8.22 -11.99
C PHE A 94 13.65 8.95 -12.43
N ILE A 95 13.38 10.09 -13.04
CA ILE A 95 14.37 11.18 -13.18
C ILE A 95 13.72 12.44 -12.61
N GLY A 96 14.53 13.35 -12.09
CA GLY A 96 13.97 14.55 -11.45
C GLY A 96 14.98 15.64 -11.19
N LEU A 97 14.45 16.76 -10.72
CA LEU A 97 15.26 17.93 -10.29
C LEU A 97 14.86 18.34 -8.89
N LYS A 98 15.86 18.67 -8.09
CA LYS A 98 15.68 19.12 -6.70
C LYS A 98 16.46 20.40 -6.49
N GLY A 99 15.82 21.37 -5.85
CA GLY A 99 16.47 22.64 -5.49
C GLY A 99 15.82 23.26 -4.28
N GLY A 100 15.99 24.58 -4.13
CA GLY A 100 15.38 25.34 -3.03
C GLY A 100 13.87 25.25 -3.08
N PHE A 101 13.31 25.20 -4.30
CA PHE A 101 11.86 25.14 -4.59
C PHE A 101 11.21 23.79 -4.20
N GLY A 102 12.02 22.75 -3.96
CA GLY A 102 11.50 21.41 -3.61
C GLY A 102 11.95 20.37 -4.62
N THR A 103 11.06 19.44 -4.96
CA THR A 103 11.39 18.27 -5.80
C THR A 103 10.36 18.13 -6.91
N VAL A 104 10.83 17.87 -8.12
CA VAL A 104 9.94 17.36 -9.22
C VAL A 104 10.50 16.06 -9.78
N ARG A 105 9.67 15.03 -9.84
CA ARG A 105 10.05 13.73 -10.44
C ARG A 105 9.05 13.33 -11.52
N ALA A 106 9.54 12.62 -12.53
CA ALA A 106 8.69 11.95 -13.53
C ALA A 106 9.20 10.52 -13.75
N GLY A 107 8.30 9.55 -13.58
CA GLY A 107 8.59 8.14 -13.86
C GLY A 107 7.59 7.20 -13.25
N ASN A 108 8.01 5.95 -13.01
CA ASN A 108 7.17 4.98 -12.28
C ASN A 108 7.21 5.33 -10.80
N LEU A 109 6.29 6.22 -10.40
CA LEU A 109 6.38 6.86 -9.07
C LEU A 109 5.40 6.26 -8.08
N ASN A 110 5.87 6.08 -6.85
CA ASN A 110 4.97 5.80 -5.72
C ASN A 110 3.89 6.87 -5.71
N THR A 111 2.65 6.44 -5.60
CA THR A 111 1.52 7.38 -5.41
C THR A 111 1.70 8.00 -4.01
N VAL A 112 1.12 9.16 -3.78
CA VAL A 112 1.24 9.87 -2.46
C VAL A 112 0.72 8.95 -1.35
N LEU A 113 -0.33 8.17 -1.65
CA LEU A 113 -0.97 7.29 -0.65
C LEU A 113 -0.07 6.09 -0.37
N LYS A 114 0.78 5.71 -1.32
CA LYS A 114 1.68 4.54 -1.14
C LYS A 114 2.80 4.94 -0.19
N ASP A 115 3.32 6.15 -0.32
CA ASP A 115 4.35 6.69 0.62
C ASP A 115 3.82 6.69 2.05
N SER A 116 2.55 7.02 2.24
CA SER A 116 1.93 7.03 3.58
C SER A 116 1.84 5.63 4.22
N LYS A 117 2.19 4.56 3.50
CA LYS A 117 2.14 3.18 4.05
C LYS A 117 3.07 3.05 5.27
N ASP A 118 4.25 3.68 5.25
CA ASP A 118 5.24 3.56 6.37
C ASP A 118 4.56 3.80 7.73
N ASN A 119 3.74 4.84 7.84
CA ASN A 119 3.07 5.25 9.11
C ASN A 119 1.81 4.40 9.38
N VAL A 120 1.48 3.45 8.52
CA VAL A 120 0.20 2.67 8.62
C VAL A 120 0.50 1.17 8.68
N ASN A 121 1.26 0.65 7.72
CA ASN A 121 1.55 -0.81 7.60
C ASN A 121 3.07 -1.03 7.51
N ALA A 122 3.66 -1.58 8.56
CA ALA A 122 5.13 -1.75 8.66
C ALA A 122 5.51 -3.24 8.70
N TRP A 123 4.52 -4.12 8.53
CA TRP A 123 4.74 -5.58 8.61
C TRP A 123 5.36 -6.08 7.31
N GLU A 124 6.29 -7.02 7.44
CA GLU A 124 6.96 -7.63 6.28
C GLU A 124 6.21 -8.93 6.04
N SER A 125 6.06 -9.36 4.78
CA SER A 125 5.16 -10.48 4.44
C SER A 125 5.45 -11.05 3.05
N GLY A 126 5.22 -12.35 2.88
CA GLY A 126 5.02 -12.94 1.55
C GLY A 126 3.81 -12.31 0.88
N SER A 127 3.72 -12.40 -0.44
CA SER A 127 2.55 -11.89 -1.22
C SER A 127 1.30 -12.69 -0.84
N ASN A 128 1.41 -13.99 -0.59
CA ASN A 128 0.26 -14.83 -0.21
C ASN A 128 -0.35 -14.44 1.14
N THR A 129 0.42 -13.78 2.02
CA THR A 129 0.00 -13.44 3.41
C THR A 129 -0.03 -11.92 3.62
N GLU A 130 -0.03 -11.12 2.56
CA GLU A 130 0.01 -9.64 2.71
C GLU A 130 -1.32 -9.14 3.29
N ASP A 131 -2.38 -9.95 3.27
CA ASP A 131 -3.72 -9.53 3.73
C ASP A 131 -3.90 -9.88 5.21
N VAL A 132 -3.24 -10.94 5.69
CA VAL A 132 -3.40 -11.45 7.09
C VAL A 132 -2.23 -11.00 7.98
N LEU A 133 -0.98 -11.17 7.51
CA LEU A 133 0.24 -10.82 8.26
C LEU A 133 0.67 -9.37 8.01
N GLY A 134 -0.13 -8.62 7.28
CA GLY A 134 0.04 -7.17 7.11
C GLY A 134 -1.32 -6.55 6.95
N LEU A 135 -1.41 -5.24 7.12
CA LEU A 135 -2.68 -4.52 6.87
C LEU A 135 -2.82 -4.35 5.37
N GLY A 136 -2.93 -5.47 4.64
CA GLY A 136 -2.95 -5.46 3.17
C GLY A 136 -4.25 -4.88 2.65
N THR A 137 -5.35 -5.16 3.34
CA THR A 137 -6.69 -4.74 2.89
C THR A 137 -6.72 -3.21 2.82
N ILE A 138 -6.37 -2.52 3.91
CA ILE A 138 -6.33 -1.03 3.89
C ILE A 138 -5.31 -0.52 2.86
N GLY A 139 -4.25 -1.29 2.59
CA GLY A 139 -3.25 -0.93 1.56
C GLY A 139 -3.60 -1.44 0.16
N ARG A 140 -4.87 -1.70 -0.12
CA ARG A 140 -5.35 -2.03 -1.50
C ARG A 140 -5.48 -0.78 -2.37
N VAL A 141 -5.32 0.42 -1.81
CA VAL A 141 -5.42 1.71 -2.56
C VAL A 141 -4.05 2.27 -2.85
N GLU A 142 -3.00 1.62 -2.36
CA GLU A 142 -1.61 2.00 -2.70
C GLU A 142 -1.28 1.44 -4.09
N SER A 143 -0.56 2.21 -4.90
CA SER A 143 0.00 1.73 -6.19
C SER A 143 1.18 2.58 -6.65
N ARG A 144 1.80 2.12 -7.73
CA ARG A 144 2.77 2.93 -8.49
C ARG A 144 2.15 3.24 -9.85
N GLU A 145 2.25 4.49 -10.25
CA GLU A 145 1.67 4.96 -11.54
C GLU A 145 2.74 5.81 -12.25
N ILE A 146 2.80 5.68 -13.58
CA ILE A 146 3.64 6.57 -14.43
C ILE A 146 3.09 7.98 -14.23
N SER A 147 3.91 8.94 -13.82
CA SER A 147 3.34 10.22 -13.37
C SER A 147 4.43 11.26 -13.22
N VAL A 148 3.97 12.51 -13.15
CA VAL A 148 4.80 13.64 -12.68
C VAL A 148 4.42 13.89 -11.21
N ARG A 149 5.39 14.28 -10.40
CA ARG A 149 5.11 14.47 -8.97
C ARG A 149 5.95 15.61 -8.41
N TYR A 150 5.28 16.47 -7.65
CA TYR A 150 5.95 17.55 -6.90
C TYR A 150 5.89 17.27 -5.41
N ASP A 151 7.01 17.52 -4.75
CA ASP A 151 7.11 17.45 -3.28
C ASP A 151 7.67 18.79 -2.81
N SER A 152 6.99 19.37 -1.84
CA SER A 152 7.38 20.67 -1.24
C SER A 152 8.52 20.44 -0.27
N PRO A 153 9.37 21.46 -0.09
CA PRO A 153 10.29 21.51 1.04
C PRO A 153 9.52 21.52 2.36
N VAL A 154 10.20 21.27 3.47
CA VAL A 154 9.56 21.23 4.81
C VAL A 154 9.44 22.66 5.36
N PHE A 155 8.21 23.17 5.45
CA PHE A 155 7.87 24.52 5.96
C PHE A 155 7.54 24.47 7.45
N ALA A 156 8.54 24.46 8.32
CA ALA A 156 8.34 24.43 9.79
C ALA A 156 7.52 23.19 10.17
N GLY A 157 7.96 22.01 9.70
CA GLY A 157 7.26 20.74 9.94
C GLY A 157 6.21 20.41 8.88
N PHE A 158 5.73 21.38 8.10
CA PHE A 158 4.76 21.15 7.00
C PHE A 158 5.48 20.81 5.70
N SER A 159 5.18 19.64 5.15
CA SER A 159 5.52 19.28 3.76
C SER A 159 4.22 18.89 3.05
N GLY A 160 4.18 19.07 1.74
CA GLY A 160 3.05 18.66 0.90
C GLY A 160 3.53 18.09 -0.42
N SER A 161 2.64 17.41 -1.14
CA SER A 161 3.00 16.83 -2.45
C SER A 161 1.77 16.76 -3.34
N VAL A 162 2.00 16.85 -4.64
CA VAL A 162 0.93 16.74 -5.67
C VAL A 162 1.43 15.86 -6.79
N GLN A 163 0.55 15.00 -7.29
CA GLN A 163 0.92 14.01 -8.32
C GLN A 163 -0.21 13.90 -9.34
N TYR A 164 0.16 13.72 -10.60
CA TYR A 164 -0.82 13.59 -11.70
C TYR A 164 -0.44 12.47 -12.68
N VAL A 165 -1.43 11.64 -12.99
CA VAL A 165 -1.33 10.63 -14.10
C VAL A 165 -2.04 11.16 -15.34
N PRO A 166 -1.30 11.45 -16.41
CA PRO A 166 -1.91 11.79 -17.69
C PRO A 166 -2.90 10.73 -18.20
N ARG A 167 -3.92 11.19 -18.92
CA ARG A 167 -4.98 10.38 -19.54
C ARG A 167 -4.36 9.28 -20.41
N ASP A 168 -3.44 9.71 -21.27
CA ASP A 168 -2.79 8.82 -22.25
C ASP A 168 -1.74 7.96 -21.56
N ASN A 169 -1.29 8.30 -20.35
CA ASN A 169 -0.46 7.36 -19.54
C ASN A 169 -1.40 6.37 -18.87
N ALA A 170 -2.60 6.80 -18.50
CA ALA A 170 -3.62 5.90 -17.89
C ALA A 170 -4.18 4.93 -18.93
N ASN A 171 -4.20 5.33 -20.21
CA ASN A 171 -4.79 4.50 -21.28
C ASN A 171 -3.96 4.73 -22.54
N ASP A 172 -3.02 3.84 -22.83
CA ASP A 172 -2.13 4.00 -24.02
C ASP A 172 -2.93 3.74 -25.30
N VAL A 173 -3.72 2.67 -25.34
CA VAL A 173 -4.52 2.25 -26.55
C VAL A 173 -5.14 3.51 -27.17
N ASP A 174 -5.85 4.25 -26.33
CA ASP A 174 -6.53 5.52 -26.68
C ASP A 174 -5.58 6.67 -26.39
N LYS A 175 -4.63 6.95 -27.28
CA LYS A 175 -3.86 8.21 -27.25
C LYS A 175 -4.65 9.16 -28.14
N TYR A 176 -4.94 8.67 -29.35
CA TYR A 176 -5.48 9.44 -30.50
C TYR A 176 -6.99 9.23 -30.68
N LYS A 177 -7.60 8.24 -30.03
CA LYS A 177 -9.08 8.04 -30.07
C LYS A 177 -9.64 8.04 -28.65
N HIS A 178 -10.13 9.18 -28.18
CA HIS A 178 -10.71 9.33 -26.82
C HIS A 178 -12.11 8.72 -26.81
N THR A 179 -12.23 7.47 -27.25
CA THR A 179 -13.51 6.71 -27.29
C THR A 179 -13.90 6.38 -25.86
N LYS A 180 -12.89 6.08 -25.05
CA LYS A 180 -13.07 5.83 -23.60
C LYS A 180 -12.83 7.11 -22.83
N SER A 181 -13.54 7.26 -21.72
CA SER A 181 -13.39 8.45 -20.84
C SER A 181 -12.00 8.41 -20.22
N SER A 182 -11.48 9.58 -19.88
CA SER A 182 -10.11 9.76 -19.33
C SER A 182 -10.00 9.06 -17.98
N ARG A 183 -8.89 8.36 -17.78
CA ARG A 183 -8.58 7.76 -16.47
C ARG A 183 -7.53 8.59 -15.74
N GLU A 184 -7.29 9.82 -16.21
CA GLU A 184 -6.34 10.73 -15.54
C GLU A 184 -6.73 10.81 -14.07
N SER A 185 -5.73 10.85 -13.20
CA SER A 185 -5.92 10.83 -11.73
C SER A 185 -4.99 11.85 -11.12
N TYR A 186 -5.45 12.42 -10.01
CA TYR A 186 -4.71 13.41 -9.19
C TYR A 186 -4.47 12.78 -7.85
N HIS A 187 -3.26 12.97 -7.34
CA HIS A 187 -2.89 12.47 -6.00
C HIS A 187 -2.22 13.61 -5.27
N ALA A 188 -2.52 13.70 -3.99
CA ALA A 188 -2.15 14.89 -3.21
C ALA A 188 -2.05 14.52 -1.75
N GLY A 189 -1.15 15.20 -1.06
CA GLY A 189 -0.85 14.89 0.35
C GLY A 189 -0.30 16.09 1.09
N LEU A 190 -0.58 16.12 2.38
CA LEU A 190 -0.03 17.12 3.31
C LEU A 190 0.43 16.42 4.58
N LYS A 191 1.66 16.71 4.99
CA LYS A 191 2.27 16.05 6.17
C LYS A 191 2.72 17.15 7.15
N TYR A 192 2.62 16.82 8.43
CA TYR A 192 3.13 17.67 9.52
C TYR A 192 3.85 16.82 10.56
N GLU A 193 5.15 17.09 10.76
CA GLU A 193 5.99 16.41 11.78
C GLU A 193 6.55 17.48 12.71
N ASN A 194 6.42 17.28 14.03
CA ASN A 194 6.93 18.26 15.03
C ASN A 194 6.90 17.70 16.46
N ALA A 195 8.02 17.88 17.18
CA ALA A 195 8.25 17.27 18.50
C ALA A 195 7.99 15.77 18.38
N GLY A 196 8.40 15.19 17.24
CA GLY A 196 8.13 13.79 16.88
C GLY A 196 6.72 13.60 16.34
N PHE A 197 5.72 14.24 16.93
CA PHE A 197 4.29 14.15 16.50
C PHE A 197 4.18 14.21 14.98
N PHE A 198 3.31 13.36 14.44
CA PHE A 198 3.06 13.31 12.98
C PHE A 198 1.55 13.19 12.73
N GLY A 199 1.13 13.91 11.69
CA GLY A 199 -0.23 13.85 11.16
C GLY A 199 -0.20 14.15 9.70
N GLN A 200 -0.91 13.36 8.90
CA GLN A 200 -0.91 13.59 7.44
C GLN A 200 -2.22 13.18 6.79
N TYR A 201 -2.48 13.86 5.68
CA TYR A 201 -3.62 13.59 4.78
C TYR A 201 -3.06 13.07 3.48
N ALA A 202 -3.62 11.97 3.00
CA ALA A 202 -3.29 11.42 1.66
C ALA A 202 -4.59 11.06 0.98
N GLY A 203 -4.66 11.37 -0.31
CA GLY A 203 -5.85 11.09 -1.11
C GLY A 203 -5.56 11.07 -2.58
N SER A 204 -6.53 10.60 -3.35
CA SER A 204 -6.50 10.62 -4.83
C SER A 204 -7.91 10.81 -5.38
N PHE A 205 -7.98 11.35 -6.58
CA PHE A 205 -9.27 11.49 -7.30
C PHE A 205 -9.08 11.15 -8.77
N ALA A 206 -10.04 10.40 -9.30
CA ALA A 206 -10.16 10.15 -10.75
C ALA A 206 -11.64 10.22 -11.09
N LYS A 207 -12.00 11.16 -11.95
CA LYS A 207 -13.41 11.30 -12.39
C LYS A 207 -13.85 9.97 -13.00
N TYR A 208 -12.96 9.28 -13.71
CA TYR A 208 -13.24 7.92 -14.25
C TYR A 208 -12.11 6.98 -13.85
N ALA A 209 -12.48 5.79 -13.37
CA ALA A 209 -11.53 4.72 -12.98
C ALA A 209 -12.23 3.36 -13.09
N ASP A 210 -11.48 2.30 -12.81
CA ASP A 210 -12.00 0.91 -12.88
C ASP A 210 -11.54 0.10 -11.66
N LEU A 211 -12.40 -0.80 -11.19
CA LEU A 211 -12.14 -1.55 -9.95
C LEU A 211 -12.30 -3.05 -10.19
N ASN A 212 -11.54 -3.83 -9.46
CA ASN A 212 -11.73 -5.31 -9.38
C ASN A 212 -12.69 -5.60 -8.23
N THR A 213 -12.99 -6.88 -8.01
CA THR A 213 -13.98 -7.33 -6.99
C THR A 213 -13.41 -7.06 -5.60
N ASP A 214 -12.08 -6.99 -5.49
CA ASP A 214 -11.37 -6.74 -4.20
C ASP A 214 -11.16 -5.24 -4.00
N ALA A 215 -11.89 -4.40 -4.72
CA ALA A 215 -11.86 -2.93 -4.54
C ALA A 215 -10.49 -2.35 -4.90
N GLU A 216 -9.58 -3.17 -5.39
CA GLU A 216 -8.30 -2.66 -5.95
C GLU A 216 -8.62 -2.03 -7.31
N ARG A 217 -7.95 -0.94 -7.62
CA ARG A 217 -8.01 -0.33 -8.97
C ARG A 217 -7.27 -1.21 -9.97
N VAL A 218 -7.86 -1.42 -11.13
CA VAL A 218 -7.21 -2.21 -12.21
C VAL A 218 -7.20 -1.37 -13.47
N ALA A 219 -6.32 -1.77 -14.39
CA ALA A 219 -6.12 -1.09 -15.67
C ALA A 219 -7.43 -1.15 -16.46
N VAL A 220 -7.64 -0.15 -17.30
CA VAL A 220 -8.81 -0.15 -18.22
C VAL A 220 -8.67 -1.39 -19.10
N ASN A 221 -9.79 -2.10 -19.30
CA ASN A 221 -9.86 -3.26 -20.24
C ASN A 221 -9.32 -4.53 -19.58
N THR A 222 -9.17 -4.55 -18.26
CA THR A 222 -8.89 -5.81 -17.54
C THR A 222 -10.19 -6.59 -17.46
N ALA A 223 -10.11 -7.91 -17.60
CA ALA A 223 -11.28 -8.81 -17.54
C ALA A 223 -11.97 -8.66 -16.19
N ASN A 224 -13.30 -8.54 -16.21
CA ASN A 224 -14.14 -8.51 -14.98
C ASN A 224 -13.84 -7.24 -14.18
N ALA A 225 -13.45 -6.15 -14.84
CA ALA A 225 -13.28 -4.84 -14.19
C ALA A 225 -14.60 -4.10 -14.28
N HIS A 226 -14.98 -3.43 -13.20
CA HIS A 226 -16.23 -2.64 -13.09
C HIS A 226 -15.92 -1.15 -13.21
N PRO A 227 -16.34 -0.47 -14.32
CA PRO A 227 -16.06 0.94 -14.53
C PRO A 227 -16.74 1.79 -13.46
N VAL A 228 -16.02 2.77 -12.93
CA VAL A 228 -16.58 3.68 -11.91
C VAL A 228 -16.28 5.11 -12.30
N LYS A 229 -16.98 6.01 -11.62
CA LYS A 229 -16.91 7.47 -11.84
C LYS A 229 -16.76 8.11 -10.47
N ASP A 230 -16.09 9.25 -10.42
CA ASP A 230 -15.84 10.02 -9.18
C ASP A 230 -15.21 9.12 -8.13
N TYR A 231 -14.19 8.38 -8.54
CA TYR A 231 -13.42 7.52 -7.62
C TYR A 231 -12.49 8.40 -6.79
N GLN A 232 -12.55 8.26 -5.47
CA GLN A 232 -11.80 9.13 -4.54
C GLN A 232 -11.42 8.35 -3.29
N VAL A 233 -10.17 8.50 -2.89
CA VAL A 233 -9.68 7.83 -1.66
C VAL A 233 -9.19 8.91 -0.71
N HIS A 234 -9.46 8.72 0.57
CA HIS A 234 -9.07 9.66 1.65
C HIS A 234 -8.40 8.90 2.79
N ARG A 235 -7.17 9.28 3.08
CA ARG A 235 -6.42 8.65 4.19
C ARG A 235 -5.94 9.74 5.14
N VAL A 236 -5.99 9.41 6.41
CA VAL A 236 -5.58 10.32 7.51
C VAL A 236 -4.90 9.47 8.55
N VAL A 237 -3.71 9.89 8.95
CA VAL A 237 -2.90 9.14 9.94
C VAL A 237 -2.31 10.10 10.95
N ALA A 238 -2.21 9.64 12.19
CA ALA A 238 -1.56 10.41 13.27
C ALA A 238 -1.17 9.51 14.43
N GLY A 239 -0.43 10.11 15.36
CA GLY A 239 0.20 9.45 16.51
C GLY A 239 1.60 9.99 16.60
N TYR A 240 2.57 9.27 17.17
CA TYR A 240 3.97 9.51 16.73
C TYR A 240 5.01 8.50 17.21
N ASP A 241 6.22 8.85 16.73
CA ASP A 241 7.39 8.00 16.40
C ASP A 241 8.62 8.66 17.02
N ALA A 242 8.89 8.41 18.30
CA ALA A 242 10.13 8.85 18.97
C ALA A 242 10.16 8.36 20.40
N ASN A 243 11.31 8.52 21.04
CA ASN A 243 11.47 8.30 22.50
C ASN A 243 11.17 6.84 22.81
N ASP A 244 11.75 5.92 22.04
CA ASP A 244 11.73 4.46 22.36
C ASP A 244 10.33 3.89 22.09
N LEU A 245 9.40 4.68 21.53
CA LEU A 245 7.97 4.27 21.37
C LEU A 245 7.39 4.76 20.05
N TYR A 246 6.52 3.95 19.45
CA TYR A 246 5.71 4.32 18.26
C TYR A 246 4.23 4.06 18.54
N VAL A 247 3.39 4.99 18.08
CA VAL A 247 1.92 4.77 18.07
C VAL A 247 1.30 5.52 16.90
N SER A 248 0.45 4.86 16.12
CA SER A 248 -0.30 5.53 15.04
C SER A 248 -1.71 4.98 14.89
N VAL A 249 -2.56 5.87 14.39
CA VAL A 249 -3.95 5.51 14.02
C VAL A 249 -4.27 6.15 12.68
N ALA A 250 -5.04 5.42 11.88
CA ALA A 250 -5.36 5.85 10.52
C ALA A 250 -6.83 5.62 10.22
N GLY A 251 -7.37 6.55 9.44
CA GLY A 251 -8.75 6.50 8.95
C GLY A 251 -8.77 6.61 7.45
N GLN A 252 -9.43 5.67 6.79
CA GLN A 252 -9.45 5.68 5.30
C GLN A 252 -10.88 5.62 4.80
N TYR A 253 -11.18 6.50 3.87
CA TYR A 253 -12.50 6.56 3.21
C TYR A 253 -12.33 6.49 1.70
N GLU A 254 -13.13 5.64 1.08
CA GLU A 254 -13.10 5.46 -0.38
C GLU A 254 -14.54 5.36 -0.89
N ALA A 255 -14.80 6.00 -2.03
CA ALA A 255 -16.15 6.01 -2.63
C ALA A 255 -16.07 6.29 -4.13
N ALA A 256 -17.06 5.78 -4.84
CA ALA A 256 -17.24 6.03 -6.28
C ALA A 256 -18.70 5.78 -6.62
N LYS A 257 -19.03 6.01 -7.90
CA LYS A 257 -20.36 5.69 -8.46
C LYS A 257 -20.19 4.65 -9.57
N ASN A 258 -21.12 3.72 -9.60
CA ASN A 258 -21.23 2.74 -10.69
C ASN A 258 -21.21 3.47 -12.04
N ASN A 259 -20.44 2.97 -12.99
CA ASN A 259 -20.41 3.57 -14.34
C ASN A 259 -20.48 2.46 -15.40
N GLU A 260 -21.06 1.32 -15.03
CA GLU A 260 -21.35 0.24 -15.99
C GLU A 260 -22.81 0.42 -16.44
N VAL A 261 -22.99 0.66 -17.74
CA VAL A 261 -24.36 0.84 -18.30
C VAL A 261 -25.13 -0.46 -18.06
N GLY A 262 -26.38 -0.25 -17.72
CA GLY A 262 -27.22 -1.25 -17.05
C GLY A 262 -27.95 -0.52 -15.97
N SER A 263 -28.70 -1.24 -15.17
CA SER A 263 -29.74 -0.64 -14.29
C SER A 263 -29.14 -0.16 -12.97
N ILE A 264 -27.82 -0.30 -12.82
CA ILE A 264 -27.11 0.00 -11.55
C ILE A 264 -26.29 1.28 -11.72
N LYS A 265 -26.18 1.79 -12.94
CA LYS A 265 -25.30 2.93 -13.26
C LYS A 265 -25.67 4.11 -12.38
N GLY A 266 -24.68 4.91 -11.98
CA GLY A 266 -24.88 6.10 -11.15
C GLY A 266 -25.04 5.77 -9.68
N LYS A 267 -25.20 4.49 -9.36
CA LYS A 267 -25.53 4.01 -7.99
C LYS A 267 -24.23 3.95 -7.17
N LYS A 268 -24.29 4.23 -5.86
CA LYS A 268 -23.12 4.69 -5.08
C LYS A 268 -22.42 3.55 -4.31
N HIS A 269 -21.09 3.49 -4.46
CA HIS A 269 -20.16 2.63 -3.68
C HIS A 269 -19.45 3.45 -2.60
N GLU A 270 -19.13 2.79 -1.48
CA GLU A 270 -18.19 3.36 -0.49
C GLU A 270 -17.77 2.29 0.53
N GLN A 271 -16.63 2.51 1.18
CA GLN A 271 -16.23 1.74 2.39
C GLN A 271 -15.24 2.53 3.25
N THR A 272 -15.35 2.33 4.55
CA THR A 272 -14.50 3.03 5.55
C THR A 272 -13.66 2.00 6.29
N GLN A 273 -12.37 2.30 6.37
CA GLN A 273 -11.42 1.45 7.10
C GLN A 273 -10.72 2.27 8.18
N VAL A 274 -10.43 1.58 9.27
CA VAL A 274 -9.60 2.18 10.34
C VAL A 274 -8.52 1.18 10.74
N ALA A 275 -7.39 1.73 11.17
CA ALA A 275 -6.20 0.94 11.51
C ALA A 275 -5.50 1.58 12.69
N ALA A 276 -4.94 0.72 13.54
CA ALA A 276 -4.27 1.13 14.79
C ALA A 276 -3.04 0.27 15.04
N THR A 277 -1.92 0.93 15.30
CA THR A 277 -0.63 0.24 15.53
C THR A 277 0.08 0.92 16.68
N ALA A 278 0.66 0.10 17.55
CA ALA A 278 1.56 0.58 18.62
C ALA A 278 2.72 -0.37 18.80
N ALA A 279 3.90 0.19 19.04
CA ALA A 279 5.13 -0.59 19.25
C ALA A 279 6.02 0.17 20.23
N TYR A 280 6.64 -0.58 21.14
CA TYR A 280 7.61 -0.06 22.12
C TYR A 280 8.90 -0.86 21.97
N ARG A 281 10.01 -0.15 22.01
CA ARG A 281 11.37 -0.74 21.83
C ARG A 281 12.10 -1.00 23.16
N PHE A 282 12.44 -2.26 23.40
CA PHE A 282 13.20 -2.70 24.59
C PHE A 282 14.64 -2.90 24.15
N GLY A 283 15.36 -1.80 23.86
CA GLY A 283 16.77 -1.86 23.44
C GLY A 283 16.88 -2.36 22.02
N ASN A 284 17.01 -3.69 21.84
CA ASN A 284 17.15 -4.35 20.51
C ASN A 284 15.89 -5.14 20.11
N VAL A 285 14.89 -5.20 20.98
CA VAL A 285 13.62 -5.90 20.69
C VAL A 285 12.49 -4.89 20.61
N THR A 286 11.73 -4.95 19.55
CA THR A 286 10.63 -3.98 19.32
C THR A 286 9.34 -4.75 19.18
N PRO A 287 8.68 -5.11 20.30
CA PRO A 287 7.33 -5.60 20.20
C PRO A 287 6.43 -4.61 19.46
N ARG A 288 5.47 -5.15 18.72
CA ARG A 288 4.49 -4.35 17.95
C ARG A 288 3.14 -5.04 18.02
N VAL A 289 2.10 -4.22 17.99
CA VAL A 289 0.71 -4.71 17.81
C VAL A 289 -0.04 -3.78 16.87
N SER A 290 -0.90 -4.39 16.06
CA SER A 290 -1.75 -3.68 15.07
C SER A 290 -3.15 -4.27 15.07
N TYR A 291 -4.13 -3.40 15.01
CA TYR A 291 -5.53 -3.79 14.77
C TYR A 291 -6.00 -3.04 13.54
N ALA A 292 -6.89 -3.68 12.78
CA ALA A 292 -7.57 -3.00 11.67
C ALA A 292 -9.02 -3.48 11.58
N HIS A 293 -9.87 -2.56 11.14
CA HIS A 293 -11.30 -2.86 10.92
C HIS A 293 -11.75 -2.33 9.57
N GLY A 294 -12.26 -3.24 8.75
CA GLY A 294 -13.02 -2.88 7.56
C GLY A 294 -14.49 -2.84 7.90
N PHE A 295 -15.13 -1.70 7.70
CA PHE A 295 -16.55 -1.51 8.06
C PHE A 295 -17.48 -2.23 7.08
N LYS A 296 -18.76 -2.19 7.42
CA LYS A 296 -19.87 -2.45 6.48
C LYS A 296 -19.55 -1.67 5.19
N ALA A 297 -19.74 -2.32 4.04
CA ALA A 297 -19.56 -1.70 2.71
C ALA A 297 -20.93 -1.42 2.10
N LYS A 298 -21.07 -0.26 1.48
CA LYS A 298 -22.24 0.06 0.64
C LYS A 298 -21.81 -0.15 -0.81
N VAL A 299 -22.38 -1.18 -1.44
CA VAL A 299 -22.11 -1.51 -2.86
C VAL A 299 -23.40 -1.36 -3.65
N ASN A 300 -23.40 -0.43 -4.60
CA ASN A 300 -24.60 -0.16 -5.41
C ASN A 300 -25.65 0.38 -4.45
N GLY A 301 -25.23 1.25 -3.53
CA GLY A 301 -26.10 1.85 -2.52
C GLY A 301 -26.71 0.83 -1.57
N VAL A 302 -26.16 -0.39 -1.49
CA VAL A 302 -26.73 -1.50 -0.67
C VAL A 302 -25.69 -1.96 0.34
N LYS A 303 -25.98 -1.81 1.62
CA LYS A 303 -25.12 -2.38 2.69
C LYS A 303 -24.79 -3.82 2.30
N ASP A 304 -23.49 -4.08 2.11
CA ASP A 304 -22.93 -5.40 1.75
C ASP A 304 -21.85 -5.76 2.78
N ALA A 305 -22.08 -6.83 3.53
CA ALA A 305 -21.24 -7.23 4.68
C ALA A 305 -20.06 -8.09 4.25
N ASN A 306 -19.97 -8.50 2.98
CA ASN A 306 -18.86 -9.34 2.47
C ASN A 306 -17.52 -8.63 2.64
N TYR A 307 -17.51 -7.31 2.50
CA TYR A 307 -16.28 -6.48 2.52
C TYR A 307 -15.85 -6.10 3.94
N GLN A 308 -16.74 -6.21 4.91
CA GLN A 308 -16.40 -5.94 6.33
C GLN A 308 -15.36 -6.96 6.79
N TYR A 309 -14.45 -6.54 7.66
CA TYR A 309 -13.42 -7.44 8.22
C TYR A 309 -12.89 -6.87 9.53
N ASP A 310 -12.26 -7.76 10.29
CA ASP A 310 -11.54 -7.44 11.54
C ASP A 310 -10.22 -8.19 11.50
N GLN A 311 -9.11 -7.49 11.64
CA GLN A 311 -7.81 -8.19 11.71
C GLN A 311 -6.97 -7.61 12.83
N VAL A 312 -6.17 -8.46 13.44
CA VAL A 312 -5.17 -8.08 14.47
C VAL A 312 -3.85 -8.79 14.18
N ILE A 313 -2.76 -8.03 14.22
CA ILE A 313 -1.39 -8.57 14.08
C ILE A 313 -0.60 -8.26 15.35
N VAL A 314 0.12 -9.25 15.85
CA VAL A 314 1.11 -9.06 16.94
C VAL A 314 2.45 -9.58 16.45
N GLY A 315 3.52 -8.91 16.82
CA GLY A 315 4.87 -9.34 16.45
C GLY A 315 5.95 -8.49 17.08
N ALA A 316 7.20 -8.81 16.75
CA ALA A 316 8.38 -8.08 17.26
C ALA A 316 9.55 -8.21 16.30
N ASP A 317 10.51 -7.30 16.41
CA ASP A 317 11.76 -7.33 15.61
C ASP A 317 12.99 -7.31 16.51
N TYR A 318 13.81 -8.35 16.42
CA TYR A 318 15.16 -8.31 17.03
C TYR A 318 16.16 -7.75 16.03
N ASP A 319 16.82 -6.66 16.41
CA ASP A 319 17.82 -5.97 15.58
C ASP A 319 19.23 -6.40 15.99
N PHE A 320 19.72 -7.45 15.35
CA PHE A 320 21.16 -7.82 15.35
C PHE A 320 22.05 -6.61 15.07
N SER A 321 21.68 -5.81 14.08
CA SER A 321 22.37 -4.53 13.78
C SER A 321 21.34 -3.51 13.30
N LYS A 322 21.79 -2.35 12.86
CA LYS A 322 20.87 -1.31 12.32
C LYS A 322 20.47 -1.61 10.88
N ARG A 323 20.93 -2.73 10.33
CA ARG A 323 20.60 -3.13 8.94
C ARG A 323 20.12 -4.57 8.89
N THR A 324 20.32 -5.32 9.95
CA THR A 324 19.86 -6.72 9.99
C THR A 324 18.89 -6.93 11.13
N SER A 325 17.70 -7.40 10.80
CA SER A 325 16.65 -7.71 11.79
C SER A 325 16.20 -9.16 11.66
N ALA A 326 15.74 -9.73 12.77
CA ALA A 326 14.94 -10.96 12.76
C ALA A 326 13.50 -10.52 12.98
N LEU A 327 12.56 -11.19 12.31
CA LEU A 327 11.13 -10.83 12.36
C LEU A 327 10.33 -12.04 12.81
N VAL A 328 9.33 -11.75 13.65
CA VAL A 328 8.26 -12.72 14.02
C VAL A 328 6.94 -11.99 14.10
N SER A 329 5.88 -12.68 13.70
CA SER A 329 4.51 -12.09 13.72
C SER A 329 3.46 -13.18 13.56
N ALA A 330 2.28 -12.90 14.09
CA ALA A 330 1.07 -13.73 13.92
C ALA A 330 -0.15 -12.87 13.59
N GLY A 331 -1.00 -13.45 12.75
CA GLY A 331 -2.09 -12.72 12.10
C GLY A 331 -3.39 -13.47 12.24
N TRP A 332 -4.44 -12.75 12.63
N TRP A 332 -4.43 -12.74 12.62
CA TRP A 332 -5.83 -13.28 12.69
CA TRP A 332 -5.82 -13.24 12.66
C TRP A 332 -6.69 -12.38 11.81
C TRP A 332 -6.63 -12.35 11.72
N LEU A 333 -7.40 -12.95 10.82
CA LEU A 333 -8.23 -12.19 9.87
C LEU A 333 -9.59 -12.85 9.72
N LYS A 334 -10.64 -12.05 9.86
CA LYS A 334 -12.04 -12.48 9.62
C LYS A 334 -12.63 -11.52 8.58
N GLN A 335 -13.20 -12.07 7.51
CA GLN A 335 -13.74 -11.30 6.35
C GLN A 335 -15.21 -11.63 6.14
N GLY A 336 -16.04 -10.58 6.09
CA GLY A 336 -17.47 -10.69 5.75
C GLY A 336 -18.35 -10.85 6.98
N LYS A 337 -19.53 -11.43 6.80
CA LYS A 337 -20.38 -11.95 7.91
C LYS A 337 -21.16 -13.19 7.41
N GLY A 338 -21.62 -14.01 8.36
CA GLY A 338 -22.64 -15.06 8.13
C GLY A 338 -22.07 -16.45 7.84
N ALA A 339 -22.55 -17.07 6.75
CA ALA A 339 -22.17 -18.42 6.28
C ALA A 339 -21.00 -18.33 5.30
N GLY A 340 -20.93 -17.25 4.52
CA GLY A 340 -19.83 -17.01 3.56
C GLY A 340 -18.67 -16.27 4.22
N LYS A 341 -18.21 -16.78 5.37
CA LYS A 341 -17.17 -16.14 6.19
C LYS A 341 -15.83 -16.78 5.87
N VAL A 342 -14.78 -15.96 5.81
CA VAL A 342 -13.38 -16.43 5.63
C VAL A 342 -12.55 -15.96 6.82
N GLU A 343 -11.99 -16.91 7.58
CA GLU A 343 -11.05 -16.64 8.68
C GLU A 343 -9.67 -17.12 8.27
N GLN A 344 -8.70 -16.23 8.26
CA GLN A 344 -7.29 -16.59 7.97
C GLN A 344 -6.47 -16.44 9.23
N THR A 345 -5.70 -17.46 9.55
CA THR A 345 -4.65 -17.36 10.58
C THR A 345 -3.32 -17.64 9.91
N ALA A 346 -2.29 -16.87 10.28
CA ALA A 346 -0.91 -17.14 9.84
C ALA A 346 0.09 -16.63 10.86
N SER A 347 1.26 -17.25 10.85
CA SER A 347 2.42 -16.80 11.65
C SER A 347 3.67 -16.86 10.80
N MET A 348 4.70 -16.17 11.26
CA MET A 348 5.97 -16.13 10.51
C MET A 348 7.16 -15.96 11.44
N VAL A 349 8.28 -16.49 10.97
CA VAL A 349 9.62 -16.08 11.43
C VAL A 349 10.43 -15.71 10.18
N GLY A 350 11.19 -14.64 10.29
CA GLY A 350 11.92 -14.13 9.12
C GLY A 350 13.18 -13.39 9.47
N LEU A 351 13.85 -12.95 8.41
CA LEU A 351 15.15 -12.25 8.46
C LEU A 351 15.19 -11.20 7.35
N ARG A 352 15.77 -10.04 7.66
CA ARG A 352 15.84 -8.92 6.70
C ARG A 352 17.22 -8.30 6.74
N HIS A 353 17.73 -7.91 5.57
CA HIS A 353 18.99 -7.16 5.46
C HIS A 353 18.87 -5.97 4.51
N LYS A 354 19.09 -4.78 5.02
CA LYS A 354 19.13 -3.53 4.24
C LYS A 354 20.57 -3.19 3.95
N PHE A 355 20.91 -2.99 2.68
CA PHE A 355 22.29 -2.63 2.24
C PHE A 355 22.29 -1.30 1.46
#